data_2Z34
#
_entry.id   2Z34
#
_cell.length_a   62.013
_cell.length_b   48.086
_cell.length_c   63.247
_cell.angle_alpha   90.00
_cell.angle_beta   99.25
_cell.angle_gamma   90.00
#
_symmetry.space_group_name_H-M   'P 1 21 1'
#
loop_
_entity.id
_entity.type
_entity.pdbx_description
1 polymer 'Histone chaperone cia1'
2 polymer 'Protein hir1'
3 water water
#
loop_
_entity_poly.entity_id
_entity_poly.type
_entity_poly.pdbx_seq_one_letter_code
_entity_poly.pdbx_strand_id
1 'polypeptide(L)'
;MSIVNILSVNVLNNPAKFSDPYKFEITFECLEPLKSDLEWKLTYVGSATSQSYDQILDTLLVGPIPIGINKFVFEADPPN
IDLLPQLSDVLGVTVILLSCAYEDNEFVRVGYYVNNEMEGLNLQEMDDAEIKKVKVDISKVWRSILAEKPRVTRFNIQWD
N
;
A,B
2 'polypeptide(L)' IPTKFVQKVTITKEGKKRVAPQLLTTLSA C,D
#
# COMPACT_ATOMS: atom_id res chain seq x y z
N SER A 2 10.93 21.04 -2.31
CA SER A 2 11.22 19.59 -2.48
C SER A 2 12.64 19.35 -3.07
N ILE A 3 13.31 18.32 -2.57
CA ILE A 3 14.67 18.01 -2.94
C ILE A 3 14.71 17.02 -4.10
N VAL A 4 13.58 16.35 -4.34
CA VAL A 4 13.44 15.50 -5.49
C VAL A 4 12.26 15.92 -6.35
N ASN A 5 12.54 16.02 -7.65
CA ASN A 5 11.54 16.37 -8.63
C ASN A 5 11.49 15.39 -9.77
N ILE A 6 10.32 14.81 -10.05
CA ILE A 6 10.16 13.94 -11.21
C ILE A 6 10.25 14.76 -12.49
N LEU A 7 11.05 14.33 -13.45
CA LEU A 7 11.07 14.96 -14.79
C LEU A 7 10.25 14.22 -15.87
N SER A 8 10.28 12.90 -15.85
CA SER A 8 9.48 12.12 -16.78
C SER A 8 9.10 10.75 -16.19
N VAL A 9 7.89 10.31 -16.46
CA VAL A 9 7.48 8.92 -16.24
C VAL A 9 6.95 8.35 -17.59
N ASN A 10 7.61 7.34 -18.13
CA ASN A 10 7.23 6.66 -19.34
C ASN A 10 6.86 5.23 -19.09
N VAL A 11 5.67 4.83 -19.48
CA VAL A 11 5.24 3.43 -19.28
C VAL A 11 5.75 2.62 -20.47
N LEU A 12 6.74 1.76 -20.25
CA LEU A 12 7.41 1.06 -21.34
C LEU A 12 6.55 0.07 -22.08
N ASN A 13 5.58 -0.55 -21.41
CA ASN A 13 4.82 -1.61 -22.03
C ASN A 13 3.34 -1.29 -21.88
N ASN A 14 2.85 -0.46 -22.79
CA ASN A 14 1.50 0.11 -22.80
C ASN A 14 0.95 0.26 -24.22
N PRO A 15 -0.15 -0.37 -24.63
CA PRO A 15 -0.96 -1.27 -23.81
C PRO A 15 -0.31 -2.59 -23.44
N ALA A 16 -0.98 -3.34 -22.58
CA ALA A 16 -0.43 -4.57 -22.10
C ALA A 16 -1.48 -5.53 -21.67
N LYS A 17 -1.13 -6.80 -21.53
CA LYS A 17 -2.06 -7.74 -20.91
C LYS A 17 -2.21 -7.45 -19.41
N PHE A 18 -3.39 -7.67 -18.89
CA PHE A 18 -3.61 -7.50 -17.45
C PHE A 18 -2.50 -8.09 -16.52
N SER A 19 -2.03 -9.28 -16.86
CA SER A 19 -1.12 -10.02 -16.02
C SER A 19 0.35 -9.73 -16.26
N ASP A 20 0.64 -8.92 -17.24
CA ASP A 20 1.98 -8.44 -17.47
C ASP A 20 2.39 -7.48 -16.34
N PRO A 21 3.66 -7.56 -15.93
CA PRO A 21 4.29 -6.53 -15.11
C PRO A 21 4.25 -5.18 -15.74
N TYR A 22 4.22 -4.22 -14.85
CA TYR A 22 4.19 -2.83 -15.20
C TYR A 22 5.64 -2.43 -15.25
N LYS A 23 6.02 -1.73 -16.31
CA LYS A 23 7.37 -1.22 -16.41
C LYS A 23 7.30 0.28 -16.60
N PHE A 24 7.70 1.05 -15.58
CA PHE A 24 7.69 2.52 -15.57
C PHE A 24 9.13 2.99 -15.57
N GLU A 25 9.48 3.81 -16.55
CA GLU A 25 10.79 4.42 -16.63
C GLU A 25 10.76 5.84 -16.10
N ILE A 26 11.43 6.09 -14.96
CA ILE A 26 11.25 7.31 -14.19
C ILE A 26 12.57 8.01 -14.16
N THR A 27 12.54 9.30 -14.45
CA THR A 27 13.71 10.11 -14.39
C THR A 27 13.45 11.19 -13.39
N PHE A 28 14.37 11.43 -12.46
CA PHE A 28 14.14 12.50 -11.49
C PHE A 28 15.38 13.31 -11.23
N GLU A 29 15.23 14.54 -10.73
CA GLU A 29 16.41 15.24 -10.19
C GLU A 29 16.44 15.29 -8.66
N CYS A 30 17.67 15.18 -8.14
CA CYS A 30 18.00 15.32 -6.74
C CYS A 30 18.89 16.55 -6.57
N LEU A 31 18.45 17.53 -5.79
CA LEU A 31 19.15 18.78 -5.60
C LEU A 31 20.05 18.84 -4.37
N GLU A 32 19.85 17.97 -3.37
CA GLU A 32 20.74 17.96 -2.18
C GLU A 32 21.12 16.57 -1.74
N PRO A 33 22.09 16.47 -0.86
CA PRO A 33 22.49 15.15 -0.41
C PRO A 33 21.35 14.48 0.33
N LEU A 34 21.17 13.20 0.10
CA LEU A 34 20.22 12.41 0.81
C LEU A 34 20.92 11.27 1.53
N LYS A 35 20.66 11.15 2.81
CA LYS A 35 21.19 10.03 3.61
C LYS A 35 20.56 8.69 3.31
N SER A 36 19.40 8.69 2.67
CA SER A 36 18.75 7.43 2.39
C SER A 36 18.25 7.30 0.95
N ASP A 37 17.83 6.08 0.63
CA ASP A 37 17.21 5.68 -0.61
C ASP A 37 15.81 6.25 -0.69
N LEU A 38 15.25 6.24 -1.88
CA LEU A 38 13.88 6.63 -2.09
C LEU A 38 13.18 5.34 -2.11
N GLU A 39 11.93 5.40 -1.71
CA GLU A 39 11.04 4.24 -1.71
C GLU A 39 9.87 4.56 -2.63
N TRP A 40 9.77 3.85 -3.74
CA TRP A 40 8.73 4.02 -4.76
C TRP A 40 7.73 2.96 -4.53
N LYS A 41 6.48 3.29 -4.83
CA LYS A 41 5.37 2.33 -4.63
C LYS A 41 4.44 2.39 -5.83
N LEU A 42 3.84 1.24 -6.17
CA LEU A 42 2.74 1.18 -7.16
C LEU A 42 1.51 0.52 -6.55
N THR A 43 0.39 1.22 -6.57
CA THR A 43 -0.83 0.74 -5.94
C THR A 43 -1.87 0.61 -7.04
N TYR A 44 -2.53 -0.54 -7.10
CA TYR A 44 -3.68 -0.82 -8.00
C TYR A 44 -5.00 -0.42 -7.28
N VAL A 45 -5.83 0.39 -7.92
CA VAL A 45 -7.07 0.88 -7.31
C VAL A 45 -8.20 0.56 -8.26
N GLY A 46 -9.29 0.06 -7.69
CA GLY A 46 -10.35 -0.50 -8.49
C GLY A 46 -11.39 0.53 -8.88
N SER A 47 -12.55 0.05 -9.32
CA SER A 47 -13.60 0.96 -9.71
C SER A 47 -14.45 1.36 -8.50
N ALA A 48 -15.26 2.40 -8.71
CA ALA A 48 -16.29 2.80 -7.74
C ALA A 48 -17.16 1.60 -7.28
N THR A 49 -16.99 0.47 -7.96
CA THR A 49 -17.35 -0.93 -7.54
C THR A 49 -17.64 -1.23 -6.10
N SER A 50 -16.98 -0.52 -5.19
CA SER A 50 -17.40 -0.51 -3.78
C SER A 50 -17.14 -1.80 -2.96
N GLN A 51 -16.69 -2.89 -3.59
CA GLN A 51 -16.44 -4.14 -2.82
C GLN A 51 -14.97 -4.60 -2.99
N SER A 52 -14.16 -3.63 -3.41
CA SER A 52 -12.76 -3.75 -3.82
C SER A 52 -11.89 -2.98 -2.85
N TYR A 53 -10.88 -3.64 -2.31
CA TYR A 53 -9.82 -2.93 -1.64
C TYR A 53 -8.65 -2.80 -2.58
N ASP A 54 -8.06 -1.60 -2.55
CA ASP A 54 -6.76 -1.32 -3.16
C ASP A 54 -5.70 -2.31 -2.75
N GLN A 55 -4.67 -2.40 -3.58
CA GLN A 55 -3.67 -3.44 -3.51
C GLN A 55 -2.32 -2.83 -3.90
N ILE A 56 -1.38 -2.84 -2.97
CA ILE A 56 0.02 -2.48 -3.26
C ILE A 56 0.58 -3.60 -4.14
N LEU A 57 1.12 -3.22 -5.29
CA LEU A 57 1.65 -4.15 -6.21
C LEU A 57 3.09 -4.43 -5.86
N ASP A 58 3.80 -3.39 -5.49
CA ASP A 58 5.21 -3.48 -5.29
C ASP A 58 5.78 -2.16 -4.75
N THR A 59 6.92 -2.33 -4.11
CA THR A 59 7.72 -1.21 -3.63
C THR A 59 9.15 -1.46 -4.03
N LEU A 60 9.86 -0.36 -4.22
CA LEU A 60 11.18 -0.48 -4.68
C LEU A 60 12.03 0.56 -3.98
N LEU A 61 13.13 0.12 -3.37
CA LEU A 61 14.09 1.11 -2.87
C LEU A 61 15.08 1.50 -3.98
N VAL A 62 15.20 2.79 -4.26
CA VAL A 62 16.14 3.33 -5.25
C VAL A 62 17.31 4.09 -4.57
N GLY A 63 18.53 3.61 -4.72
CA GLY A 63 19.67 4.39 -4.22
C GLY A 63 20.91 3.54 -4.35
N PRO A 64 22.11 4.07 -4.09
CA PRO A 64 22.28 5.45 -3.59
C PRO A 64 21.96 6.52 -4.60
N ILE A 65 21.62 7.70 -4.09
CA ILE A 65 21.24 8.79 -4.95
C ILE A 65 22.16 10.02 -4.93
N PRO A 66 23.00 10.17 -5.94
CA PRO A 66 23.82 11.38 -6.04
C PRO A 66 22.99 12.57 -6.48
N ILE A 67 23.52 13.77 -6.24
CA ILE A 67 22.98 14.99 -6.83
C ILE A 67 23.15 14.98 -8.35
N GLY A 68 22.07 15.27 -9.04
CA GLY A 68 22.05 15.23 -10.49
C GLY A 68 20.71 14.69 -10.98
N ILE A 69 20.73 14.31 -12.25
CA ILE A 69 19.62 13.71 -12.91
C ILE A 69 19.83 12.23 -12.90
N ASN A 70 18.83 11.52 -12.36
CA ASN A 70 18.87 10.11 -12.08
C ASN A 70 17.76 9.37 -12.83
N LYS A 71 17.97 8.10 -13.10
CA LYS A 71 17.03 7.33 -13.91
C LYS A 71 16.98 5.84 -13.49
N PHE A 72 15.81 5.22 -13.60
CA PHE A 72 15.68 3.80 -13.29
C PHE A 72 14.34 3.27 -13.79
N VAL A 73 14.25 1.95 -13.89
CA VAL A 73 13.04 1.25 -14.29
C VAL A 73 12.54 0.53 -13.03
N PHE A 74 11.26 0.74 -12.77
CA PHE A 74 10.55 0.10 -11.70
C PHE A 74 9.63 -0.89 -12.40
N GLU A 75 9.97 -2.16 -12.29
CA GLU A 75 9.17 -3.25 -12.81
C GLU A 75 8.27 -3.79 -11.68
N ALA A 76 7.00 -3.48 -11.69
CA ALA A 76 6.09 -4.03 -10.66
C ALA A 76 5.24 -5.27 -11.11
N ASP A 77 4.99 -6.18 -10.16
CA ASP A 77 4.13 -7.33 -10.34
C ASP A 77 2.80 -6.87 -10.85
N PRO A 78 2.11 -7.73 -11.56
CA PRO A 78 0.76 -7.46 -11.97
C PRO A 78 -0.19 -7.62 -10.76
N PRO A 79 -1.46 -7.21 -10.87
CA PRO A 79 -2.41 -7.39 -9.77
C PRO A 79 -2.63 -8.85 -9.44
N ASN A 80 -2.70 -9.14 -8.14
CA ASN A 80 -3.01 -10.45 -7.59
C ASN A 80 -4.52 -10.58 -7.59
N ILE A 81 -5.01 -11.50 -8.38
CA ILE A 81 -6.43 -11.66 -8.55
C ILE A 81 -7.12 -12.36 -7.38
N ASP A 82 -6.32 -12.94 -6.47
CA ASP A 82 -6.84 -13.47 -5.20
C ASP A 82 -7.37 -12.34 -4.34
N LEU A 83 -6.80 -11.16 -4.53
CA LEU A 83 -7.26 -9.99 -3.81
C LEU A 83 -8.47 -9.36 -4.49
N LEU A 84 -8.82 -9.83 -5.67
CA LEU A 84 -9.97 -9.31 -6.40
C LEU A 84 -11.08 -10.36 -6.48
N PRO A 85 -11.95 -10.35 -5.47
CA PRO A 85 -13.01 -11.38 -5.39
C PRO A 85 -13.87 -11.46 -6.68
N GLN A 86 -14.57 -10.35 -6.98
CA GLN A 86 -15.30 -10.20 -8.24
C GLN A 86 -14.28 -9.92 -9.32
N LEU A 87 -14.13 -10.92 -10.17
CA LEU A 87 -13.16 -10.96 -11.23
C LEU A 87 -13.60 -9.98 -12.26
N SER A 88 -14.90 -9.75 -12.35
CA SER A 88 -15.44 -8.89 -13.42
C SER A 88 -15.15 -7.39 -13.17
N ASP A 89 -14.65 -7.07 -11.98
CA ASP A 89 -14.33 -5.71 -11.61
C ASP A 89 -13.01 -5.23 -12.17
N VAL A 90 -12.21 -6.13 -12.76
CA VAL A 90 -11.05 -5.67 -13.49
C VAL A 90 -11.40 -4.80 -14.70
N LEU A 91 -12.65 -4.90 -15.19
CA LEU A 91 -13.06 -4.29 -16.47
C LEU A 91 -13.45 -2.84 -16.28
N GLY A 92 -13.39 -2.07 -17.37
CA GLY A 92 -13.64 -0.64 -17.28
C GLY A 92 -12.43 0.16 -16.76
N VAL A 93 -12.73 1.34 -16.26
CA VAL A 93 -11.72 2.30 -15.87
C VAL A 93 -11.29 2.07 -14.42
N THR A 94 -10.02 1.69 -14.24
CA THR A 94 -9.39 1.67 -12.92
C THR A 94 -8.29 2.76 -12.76
N VAL A 95 -7.70 2.85 -11.58
CA VAL A 95 -6.64 3.79 -11.30
C VAL A 95 -5.38 3.05 -10.91
N ILE A 96 -4.23 3.69 -11.20
CA ILE A 96 -2.90 3.20 -10.82
C ILE A 96 -2.13 4.39 -10.12
N LEU A 97 -1.56 4.16 -8.92
CA LEU A 97 -0.86 5.27 -8.23
C LEU A 97 0.63 4.98 -8.12
N LEU A 98 1.45 5.85 -8.68
CA LEU A 98 2.90 5.76 -8.52
C LEU A 98 3.23 6.76 -7.44
N SER A 99 3.72 6.32 -6.28
CA SER A 99 4.20 7.25 -5.31
C SER A 99 5.63 7.02 -4.88
N CYS A 100 6.24 8.04 -4.32
CA CYS A 100 7.54 7.93 -3.68
C CYS A 100 7.57 8.52 -2.30
N ALA A 101 8.26 7.82 -1.39
CA ALA A 101 8.47 8.27 -0.02
C ALA A 101 9.99 8.39 0.28
N TYR A 102 10.33 9.15 1.30
CA TYR A 102 11.67 9.24 1.84
C TYR A 102 11.52 9.10 3.36
N GLU A 103 12.17 8.09 3.90
CA GLU A 103 12.15 7.73 5.33
C GLU A 103 10.72 7.58 5.85
N ASP A 104 9.91 6.85 5.09
CA ASP A 104 8.52 6.49 5.41
C ASP A 104 7.53 7.61 5.24
N ASN A 105 7.95 8.72 4.66
CA ASN A 105 7.09 9.84 4.43
C ASN A 105 6.92 10.10 2.95
N GLU A 106 5.76 9.76 2.46
CA GLU A 106 5.35 10.14 1.12
C GLU A 106 5.52 11.64 0.76
N PHE A 107 6.11 11.94 -0.41
CA PHE A 107 6.19 13.33 -0.85
C PHE A 107 5.61 13.51 -2.20
N VAL A 108 5.46 12.45 -2.98
CA VAL A 108 4.86 12.58 -4.30
C VAL A 108 3.95 11.45 -4.69
N ARG A 109 2.92 11.75 -5.45
CA ARG A 109 1.97 10.72 -5.88
C ARG A 109 1.46 11.10 -7.24
N VAL A 110 1.60 10.17 -8.15
CA VAL A 110 1.22 10.31 -9.51
C VAL A 110 0.11 9.33 -9.83
N GLY A 111 -1.09 9.84 -10.04
CA GLY A 111 -2.23 9.00 -10.33
C GLY A 111 -2.54 8.96 -11.80
N TYR A 112 -2.89 7.79 -12.33
CA TYR A 112 -3.28 7.65 -13.75
C TYR A 112 -4.58 6.89 -13.78
N TYR A 113 -5.40 7.18 -14.81
CA TYR A 113 -6.62 6.38 -15.13
C TYR A 113 -6.20 5.23 -16.02
N VAL A 114 -6.75 4.05 -15.81
CA VAL A 114 -6.47 2.91 -16.66
C VAL A 114 -7.76 2.37 -17.26
N ASN A 115 -7.70 2.19 -18.56
CA ASN A 115 -8.71 1.50 -19.36
C ASN A 115 -8.53 -0.02 -19.47
N ASN A 116 -9.57 -0.78 -19.16
CA ASN A 116 -9.45 -2.22 -19.20
C ASN A 116 -10.52 -2.85 -20.05
N GLU A 117 -10.12 -3.82 -20.84
CA GLU A 117 -11.05 -4.43 -21.81
C GLU A 117 -10.70 -5.86 -22.20
N MET A 118 -11.71 -6.68 -22.42
CA MET A 118 -11.49 -8.06 -22.81
C MET A 118 -11.57 -8.21 -24.34
N GLU A 119 -10.74 -9.06 -24.91
CA GLU A 119 -10.89 -9.48 -26.32
C GLU A 119 -12.30 -9.99 -26.64
N GLY A 120 -12.83 -9.61 -27.81
CA GLY A 120 -14.01 -10.23 -28.35
C GLY A 120 -13.71 -11.65 -28.85
N LEU A 121 -14.75 -12.31 -29.33
CA LEU A 121 -14.63 -13.67 -29.81
C LEU A 121 -13.71 -13.70 -31.00
N ASN A 122 -12.82 -14.72 -31.07
CA ASN A 122 -12.08 -14.96 -32.34
C ASN A 122 -12.97 -15.59 -33.45
N LEU A 123 -12.48 -15.51 -34.68
CA LEU A 123 -13.21 -15.96 -35.85
C LEU A 123 -13.82 -17.37 -35.73
N GLN A 124 -13.04 -18.32 -35.19
CA GLN A 124 -13.48 -19.72 -34.99
C GLN A 124 -14.77 -19.74 -34.16
N GLU A 125 -14.83 -18.84 -33.17
CA GLU A 125 -15.83 -18.80 -32.12
C GLU A 125 -17.08 -18.10 -32.60
N MET A 126 -16.89 -17.18 -33.55
CA MET A 126 -17.99 -16.46 -34.18
C MET A 126 -18.66 -17.37 -35.21
N ILE A 131 -24.77 -22.63 -27.48
CA ILE A 131 -23.75 -21.65 -27.11
C ILE A 131 -23.45 -21.61 -25.62
N LYS A 132 -22.28 -21.03 -25.35
CA LYS A 132 -21.77 -20.88 -24.01
C LYS A 132 -21.62 -19.42 -23.61
N LYS A 133 -22.06 -19.15 -22.37
CA LYS A 133 -21.76 -17.94 -21.62
C LYS A 133 -20.25 -17.83 -21.50
N VAL A 134 -19.75 -16.61 -21.51
CA VAL A 134 -18.30 -16.40 -21.57
C VAL A 134 -17.79 -15.96 -20.22
N LYS A 135 -16.74 -16.63 -19.77
CA LYS A 135 -16.02 -16.24 -18.58
C LYS A 135 -15.23 -14.94 -18.82
N VAL A 136 -14.98 -14.15 -17.79
CA VAL A 136 -13.89 -13.20 -17.90
C VAL A 136 -12.52 -13.91 -17.74
N ASP A 137 -11.85 -14.20 -18.84
CA ASP A 137 -10.52 -14.77 -18.84
C ASP A 137 -9.54 -13.62 -18.70
N ILE A 138 -8.87 -13.57 -17.55
CA ILE A 138 -7.96 -12.48 -17.22
C ILE A 138 -6.72 -12.43 -18.16
N SER A 139 -6.46 -13.55 -18.83
CA SER A 139 -5.39 -13.63 -19.81
C SER A 139 -5.80 -13.04 -21.15
N LYS A 140 -7.06 -12.64 -21.24
CA LYS A 140 -7.65 -12.00 -22.40
C LYS A 140 -8.15 -10.63 -22.06
N VAL A 141 -7.70 -10.08 -20.95
CA VAL A 141 -8.00 -8.69 -20.61
C VAL A 141 -6.76 -7.81 -20.92
N TRP A 142 -6.99 -6.59 -21.43
CA TRP A 142 -5.92 -5.69 -21.80
C TRP A 142 -6.05 -4.39 -21.11
N ARG A 143 -4.94 -3.87 -20.55
CA ARG A 143 -4.93 -2.52 -19.95
C ARG A 143 -4.26 -1.53 -20.88
N SER A 144 -4.67 -0.28 -20.74
CA SER A 144 -4.01 0.87 -21.33
C SER A 144 -4.06 2.00 -20.33
N ILE A 145 -2.90 2.38 -19.83
CA ILE A 145 -2.74 3.46 -18.91
C ILE A 145 -2.61 4.73 -19.73
N LEU A 146 -3.33 5.75 -19.34
CA LEU A 146 -3.30 7.00 -20.01
C LEU A 146 -2.13 7.79 -19.37
N ALA A 147 -0.93 7.42 -19.80
CA ALA A 147 0.32 8.04 -19.36
C ALA A 147 0.52 9.53 -19.68
N GLU A 148 -0.37 10.18 -20.44
CA GLU A 148 -0.20 11.62 -20.80
C GLU A 148 -1.03 12.55 -19.89
N LYS A 149 -1.87 11.97 -19.05
CA LYS A 149 -2.79 12.73 -18.22
C LYS A 149 -2.62 12.31 -16.74
N PRO A 150 -1.40 12.47 -16.23
CA PRO A 150 -1.09 12.16 -14.83
C PRO A 150 -1.64 13.19 -13.87
N ARG A 151 -2.19 12.73 -12.77
CA ARG A 151 -2.59 13.60 -11.67
C ARG A 151 -1.48 13.57 -10.62
N VAL A 152 -0.91 14.71 -10.31
CA VAL A 152 0.29 14.81 -9.44
C VAL A 152 -0.09 15.53 -8.13
N THR A 153 0.28 14.95 -7.02
CA THR A 153 0.02 15.56 -5.73
C THR A 153 1.30 15.54 -4.89
N ARG A 154 1.63 16.69 -4.30
CA ARG A 154 2.92 16.87 -3.62
C ARG A 154 2.67 17.07 -2.12
N PHE A 155 3.54 16.47 -1.28
CA PHE A 155 3.43 16.56 0.17
C PHE A 155 4.75 17.09 0.71
N ASN A 156 4.69 18.03 1.65
CA ASN A 156 5.87 18.52 2.34
C ASN A 156 6.33 17.53 3.35
N ILE A 157 7.59 17.13 3.23
CA ILE A 157 8.23 16.30 4.23
C ILE A 157 9.53 16.99 4.60
N GLN A 158 10.24 16.45 5.59
CA GLN A 158 11.58 16.94 5.92
C GLN A 158 12.61 16.08 5.21
N TRP A 159 13.70 16.70 4.81
CA TRP A 159 14.72 16.09 3.97
C TRP A 159 16.10 16.05 4.65
N ASP A 160 16.19 16.55 5.89
CA ASP A 160 17.43 16.68 6.68
C ASP A 160 17.95 15.28 7.01
N SER B 2 0.57 -21.69 5.62
CA SER B 2 1.02 -20.40 6.20
C SER B 2 2.02 -20.60 7.35
N ILE B 3 3.20 -19.98 7.20
CA ILE B 3 4.26 -20.01 8.18
C ILE B 3 4.06 -19.04 9.32
N VAL B 4 3.34 -17.93 9.08
CA VAL B 4 2.91 -16.97 10.12
C VAL B 4 1.38 -17.01 10.35
N ASN B 5 0.96 -17.08 11.61
CA ASN B 5 -0.45 -17.03 12.00
C ASN B 5 -0.71 -16.08 13.16
N ILE B 6 -1.75 -15.26 13.00
CA ILE B 6 -2.14 -14.33 14.05
C ILE B 6 -2.92 -15.06 15.13
N LEU B 7 -2.57 -14.82 16.39
CA LEU B 7 -3.22 -15.38 17.60
C LEU B 7 -4.22 -14.41 18.29
N SER B 8 -3.86 -13.15 18.42
CA SER B 8 -4.77 -12.13 18.88
C SER B 8 -4.44 -10.73 18.32
N VAL B 9 -5.48 -9.90 18.19
CA VAL B 9 -5.28 -8.48 17.94
C VAL B 9 -6.08 -7.74 18.97
N ASN B 10 -5.39 -6.99 19.80
CA ASN B 10 -6.05 -6.16 20.81
C ASN B 10 -5.83 -4.69 20.55
N VAL B 11 -6.94 -3.94 20.54
CA VAL B 11 -6.87 -2.53 20.27
C VAL B 11 -6.69 -1.80 21.57
N LEU B 12 -5.53 -1.18 21.77
CA LEU B 12 -5.20 -0.63 23.06
C LEU B 12 -6.00 0.60 23.56
N ASN B 13 -6.48 1.46 22.64
CA ASN B 13 -7.09 2.76 22.99
C ASN B 13 -8.35 2.89 22.18
N ASN B 14 -9.39 2.26 22.72
CA ASN B 14 -10.66 2.07 22.07
C ASN B 14 -11.80 2.17 23.12
N PRO B 15 -12.77 3.05 22.92
CA PRO B 15 -12.80 4.00 21.78
C PRO B 15 -11.81 5.10 21.94
N ALA B 16 -11.83 6.05 21.00
CA ALA B 16 -10.83 7.09 20.92
C ALA B 16 -11.30 8.21 20.04
N LYS B 17 -10.63 9.35 20.15
CA LYS B 17 -10.89 10.44 19.23
C LYS B 17 -10.49 10.08 17.78
N PHE B 18 -11.21 10.64 16.78
CA PHE B 18 -10.86 10.39 15.34
C PHE B 18 -9.37 10.59 15.01
N SER B 19 -8.79 11.63 15.57
CA SER B 19 -7.40 12.01 15.29
C SER B 19 -6.32 11.43 16.22
N ASP B 20 -6.74 10.50 17.09
CA ASP B 20 -5.83 9.69 17.92
C ASP B 20 -5.26 8.54 17.13
N PRO B 21 -3.97 8.26 17.36
CA PRO B 21 -3.25 7.18 16.71
C PRO B 21 -3.91 5.91 16.97
N TYR B 22 -3.87 4.97 16.04
CA TYR B 22 -4.35 3.62 16.33
C TYR B 22 -3.21 2.85 16.98
N LYS B 23 -3.53 2.10 18.03
CA LYS B 23 -2.60 1.19 18.71
C LYS B 23 -3.15 -0.27 18.76
N PHE B 24 -2.51 -1.16 18.01
CA PHE B 24 -2.91 -2.56 17.94
C PHE B 24 -1.81 -3.33 18.60
N GLU B 25 -2.10 -4.11 19.65
CA GLU B 25 -1.17 -5.13 20.19
C GLU B 25 -1.43 -6.44 19.47
N ILE B 26 -0.42 -6.92 18.76
CA ILE B 26 -0.56 -8.07 17.88
C ILE B 26 0.31 -9.22 18.37
N THR B 27 -0.30 -10.41 18.46
CA THR B 27 0.40 -11.62 18.79
C THR B 27 0.26 -12.60 17.67
N PHE B 28 1.40 -13.10 17.20
CA PHE B 28 1.47 -14.04 16.10
C PHE B 28 2.50 -15.14 16.33
N GLU B 29 2.33 -16.23 15.63
CA GLU B 29 3.18 -17.41 15.75
C GLU B 29 3.91 -17.50 14.45
N CYS B 30 5.25 -17.62 14.54
CA CYS B 30 6.07 -17.91 13.35
C CYS B 30 6.67 -19.30 13.53
N LEU B 31 6.46 -20.17 12.55
CA LEU B 31 6.69 -21.61 12.63
C LEU B 31 7.98 -22.11 12.00
N GLU B 32 8.51 -21.35 11.05
CA GLU B 32 9.72 -21.66 10.30
C GLU B 32 10.61 -20.40 10.28
N PRO B 33 11.88 -20.53 9.91
CA PRO B 33 12.73 -19.34 9.85
C PRO B 33 12.35 -18.48 8.58
N LEU B 34 12.35 -17.16 8.71
CA LEU B 34 12.14 -16.30 7.54
C LEU B 34 13.36 -15.46 7.24
N LYS B 35 13.70 -15.37 5.97
CA LYS B 35 14.80 -14.54 5.50
C LYS B 35 14.58 -13.05 5.55
N SER B 36 13.32 -12.61 5.61
CA SER B 36 12.94 -11.20 5.54
C SER B 36 11.97 -10.76 6.68
N ASP B 37 11.70 -9.46 6.79
CA ASP B 37 10.78 -8.96 7.77
C ASP B 37 9.32 -9.18 7.39
N LEU B 38 8.44 -8.94 8.31
CA LEU B 38 7.04 -8.86 7.97
C LEU B 38 6.78 -7.37 7.74
N GLU B 39 5.77 -7.05 6.96
CA GLU B 39 5.49 -5.66 6.69
C GLU B 39 4.03 -5.44 7.00
N TRP B 40 3.78 -4.81 8.13
CA TRP B 40 2.42 -4.48 8.52
C TRP B 40 1.94 -3.17 7.89
N LYS B 41 0.66 -3.10 7.56
CA LYS B 41 0.06 -1.82 7.22
C LYS B 41 -1.33 -1.68 7.77
N LEU B 42 -1.73 -0.45 8.03
CA LEU B 42 -3.11 -0.17 8.39
C LEU B 42 -3.70 0.79 7.36
N THR B 43 -4.92 0.52 6.97
CA THR B 43 -5.55 1.15 5.80
C THR B 43 -6.95 1.63 6.15
N TYR B 44 -7.12 2.94 6.10
CA TYR B 44 -8.41 3.57 6.23
C TYR B 44 -9.21 3.32 4.95
N VAL B 45 -10.47 2.83 5.12
CA VAL B 45 -11.39 2.61 3.98
C VAL B 45 -12.75 3.31 4.23
N GLY B 46 -13.16 4.17 3.28
CA GLY B 46 -14.36 4.96 3.41
C GLY B 46 -15.60 4.15 3.01
N SER B 47 -16.70 4.89 2.76
CA SER B 47 -17.97 4.26 2.40
C SER B 47 -18.00 3.84 0.91
N ALA B 48 -18.93 2.96 0.57
CA ALA B 48 -19.23 2.64 -0.81
C ALA B 48 -19.56 3.90 -1.68
N THR B 49 -20.24 4.90 -1.07
CA THR B 49 -20.68 6.16 -1.71
C THR B 49 -19.52 7.11 -2.07
N SER B 50 -18.40 6.95 -1.36
CA SER B 50 -17.17 7.76 -1.57
C SER B 50 -16.46 7.36 -2.85
N GLN B 51 -15.91 8.36 -3.51
CA GLN B 51 -15.03 8.09 -4.65
C GLN B 51 -13.52 8.05 -4.25
N SER B 52 -13.21 8.16 -2.95
CA SER B 52 -11.81 8.22 -2.52
C SER B 52 -11.22 6.84 -2.42
N TYR B 53 -10.11 6.62 -3.08
CA TYR B 53 -9.39 5.36 -2.83
C TYR B 53 -8.84 5.24 -1.38
N ASP B 54 -8.51 4.01 -0.99
CA ASP B 54 -8.03 3.72 0.35
C ASP B 54 -6.86 4.62 0.79
N GLN B 55 -6.80 4.88 2.10
CA GLN B 55 -5.75 5.68 2.66
C GLN B 55 -4.89 4.88 3.55
N ILE B 56 -3.63 4.73 3.17
CA ILE B 56 -2.69 3.96 3.99
C ILE B 56 -2.30 4.91 5.09
N LEU B 57 -2.52 4.45 6.33
CA LEU B 57 -2.29 5.28 7.47
C LEU B 57 -0.90 5.13 7.98
N ASP B 58 -0.36 3.95 7.89
CA ASP B 58 0.97 3.69 8.36
C ASP B 58 1.45 2.30 7.98
N THR B 59 2.78 2.12 7.95
CA THR B 59 3.38 0.80 7.72
C THR B 59 4.56 0.57 8.66
N LEU B 60 5.01 -0.65 8.82
CA LEU B 60 6.00 -0.98 9.83
C LEU B 60 6.62 -2.36 9.51
N LEU B 61 7.95 -2.36 9.41
CA LEU B 61 8.74 -3.56 9.28
C LEU B 61 8.89 -4.14 10.65
N VAL B 62 8.57 -5.42 10.75
CA VAL B 62 8.83 -6.23 11.95
C VAL B 62 9.82 -7.32 11.68
N GLY B 63 10.88 -7.31 12.45
CA GLY B 63 11.94 -8.31 12.23
C GLY B 63 13.23 -7.99 12.97
N PRO B 64 14.15 -8.95 12.96
CA PRO B 64 13.96 -10.26 12.34
C PRO B 64 12.99 -11.11 13.19
N ILE B 65 12.44 -12.19 12.64
CA ILE B 65 11.32 -12.88 13.23
C ILE B 65 11.77 -14.15 13.93
N PRO B 66 11.63 -14.27 15.26
CA PRO B 66 11.93 -15.56 15.92
C PRO B 66 11.01 -16.68 15.48
N ILE B 67 11.49 -17.91 15.44
CA ILE B 67 10.58 -19.06 15.40
C ILE B 67 9.93 -19.09 16.76
N GLY B 68 8.62 -19.03 16.79
CA GLY B 68 7.95 -19.09 18.07
C GLY B 68 6.73 -18.18 18.07
N ILE B 69 6.39 -17.73 19.27
CA ILE B 69 5.25 -16.87 19.48
C ILE B 69 5.75 -15.51 19.84
N ASN B 70 5.31 -14.56 19.02
CA ASN B 70 5.75 -13.18 19.05
C ASN B 70 4.61 -12.19 19.30
N LYS B 71 5.00 -11.05 19.87
CA LYS B 71 4.13 -9.94 20.17
C LYS B 71 4.86 -8.63 19.89
N PHE B 72 4.13 -7.67 19.32
CA PHE B 72 4.62 -6.30 19.25
C PHE B 72 3.41 -5.38 19.24
N VAL B 73 3.67 -4.05 19.36
CA VAL B 73 2.64 -3.03 19.18
C VAL B 73 2.83 -2.20 17.91
N PHE B 74 1.78 -2.13 17.10
CA PHE B 74 1.76 -1.30 15.92
C PHE B 74 1.00 -0.03 16.23
N GLU B 75 1.70 1.08 16.37
CA GLU B 75 1.10 2.38 16.56
C GLU B 75 1.06 3.15 15.22
N ALA B 76 -0.14 3.42 14.71
CA ALA B 76 -0.28 3.98 13.35
C ALA B 76 -0.84 5.36 13.45
N ASP B 77 -0.31 6.30 12.66
CA ASP B 77 -0.89 7.65 12.55
C ASP B 77 -2.38 7.65 12.17
N PRO B 78 -3.10 8.67 12.63
CA PRO B 78 -4.52 8.84 12.31
C PRO B 78 -4.73 9.23 10.83
N PRO B 79 -5.96 9.26 10.40
CA PRO B 79 -6.26 9.65 9.01
C PRO B 79 -5.90 11.09 8.76
N ASN B 80 -5.40 11.40 7.55
CA ASN B 80 -5.19 12.76 7.12
C ASN B 80 -6.49 13.33 6.56
N ILE B 81 -7.01 14.36 7.23
CA ILE B 81 -8.26 15.03 6.88
C ILE B 81 -8.21 15.66 5.49
N ASP B 82 -7.03 16.12 5.09
CA ASP B 82 -6.86 16.71 3.73
C ASP B 82 -7.14 15.77 2.58
N LEU B 83 -7.03 14.46 2.76
CA LEU B 83 -7.31 13.49 1.68
C LEU B 83 -8.75 13.00 1.70
N LEU B 84 -9.57 13.61 2.55
CA LEU B 84 -11.01 13.33 2.66
C LEU B 84 -11.72 14.63 2.28
N PRO B 85 -11.88 14.85 0.98
CA PRO B 85 -12.48 16.11 0.50
C PRO B 85 -13.95 16.22 0.92
N GLN B 86 -14.65 15.09 1.05
CA GLN B 86 -16.01 15.11 1.58
C GLN B 86 -15.97 14.65 3.04
N LEU B 87 -15.60 15.58 3.89
CA LEU B 87 -15.36 15.32 5.30
C LEU B 87 -16.50 14.58 6.04
N SER B 88 -17.73 14.79 5.57
CA SER B 88 -18.90 14.23 6.23
C SER B 88 -18.85 12.68 6.25
N ASP B 89 -18.16 12.08 5.30
CA ASP B 89 -18.12 10.62 5.21
C ASP B 89 -17.11 9.96 6.12
N VAL B 90 -16.47 10.71 7.01
CA VAL B 90 -15.86 10.08 8.17
C VAL B 90 -16.91 9.67 9.22
N LEU B 91 -18.14 10.11 9.04
CA LEU B 91 -19.22 9.86 9.99
C LEU B 91 -19.95 8.57 9.66
N GLY B 92 -20.53 7.98 10.70
CA GLY B 92 -21.06 6.62 10.61
C GLY B 92 -19.95 5.56 10.43
N VAL B 93 -20.22 4.55 9.56
CA VAL B 93 -19.51 3.28 9.62
C VAL B 93 -18.56 3.18 8.46
N THR B 94 -17.28 3.15 8.83
CA THR B 94 -16.18 2.91 7.93
C THR B 94 -15.46 1.61 8.23
N VAL B 95 -14.36 1.40 7.53
CA VAL B 95 -13.59 0.19 7.65
C VAL B 95 -12.13 0.57 7.94
N ILE B 96 -11.47 -0.30 8.70
CA ILE B 96 -10.03 -0.37 8.84
C ILE B 96 -9.54 -1.78 8.47
N LEU B 97 -8.55 -1.82 7.57
CA LEU B 97 -7.84 -3.05 7.24
C LEU B 97 -6.38 -3.04 7.76
N LEU B 98 -6.13 -3.98 8.70
CA LEU B 98 -4.83 -4.37 9.23
C LEU B 98 -4.31 -5.51 8.43
N SER B 99 -3.23 -5.33 7.69
CA SER B 99 -2.73 -6.36 6.76
C SER B 99 -1.21 -6.58 6.92
N CYS B 100 -0.70 -7.72 6.49
CA CYS B 100 0.73 -8.00 6.58
C CYS B 100 1.19 -8.65 5.29
N ALA B 101 2.39 -8.28 4.84
CA ALA B 101 2.96 -8.74 3.61
C ALA B 101 4.35 -9.30 3.85
N TYR B 102 4.71 -10.33 3.12
CA TYR B 102 6.07 -10.80 3.13
C TYR B 102 6.60 -10.66 1.71
N GLU B 103 7.67 -9.90 1.57
CA GLU B 103 8.31 -9.63 0.27
C GLU B 103 7.36 -9.05 -0.77
N ASP B 104 6.62 -8.07 -0.31
CA ASP B 104 5.61 -7.41 -1.12
C ASP B 104 4.47 -8.29 -1.52
N ASN B 105 4.26 -9.41 -0.81
CA ASN B 105 3.05 -10.20 -1.03
C ASN B 105 2.16 -10.29 0.21
N GLU B 106 0.94 -9.80 0.12
CA GLU B 106 0.05 -9.79 1.28
C GLU B 106 -0.50 -11.19 1.54
N PHE B 107 -0.35 -11.66 2.76
CA PHE B 107 -0.79 -13.00 3.14
C PHE B 107 -1.94 -13.03 4.13
N VAL B 108 -2.22 -11.90 4.77
CA VAL B 108 -3.28 -11.82 5.78
C VAL B 108 -3.85 -10.42 5.93
N ARG B 109 -5.17 -10.39 6.13
CA ARG B 109 -5.96 -9.15 6.21
C ARG B 109 -7.00 -9.28 7.34
N VAL B 110 -6.98 -8.33 8.26
CA VAL B 110 -7.91 -8.35 9.36
C VAL B 110 -8.73 -7.06 9.17
N GLY B 111 -10.02 -7.21 8.83
CA GLY B 111 -10.93 -6.12 8.52
C GLY B 111 -11.85 -5.83 9.68
N TYR B 112 -12.04 -4.56 10.01
CA TYR B 112 -12.92 -4.18 11.14
C TYR B 112 -13.97 -3.21 10.66
N TYR B 113 -15.10 -3.17 11.35
CA TYR B 113 -16.03 -2.04 11.20
C TYR B 113 -15.66 -1.04 12.27
N VAL B 114 -15.86 0.22 11.92
CA VAL B 114 -15.54 1.29 12.81
C VAL B 114 -16.77 2.16 12.75
N ASN B 115 -17.22 2.53 13.93
CA ASN B 115 -18.35 3.43 14.16
C ASN B 115 -17.79 4.78 14.50
N ASN B 116 -18.33 5.81 13.88
CA ASN B 116 -17.83 7.16 14.12
C ASN B 116 -19.00 8.10 14.42
N GLU B 117 -18.91 8.86 15.52
CA GLU B 117 -19.96 9.79 15.91
C GLU B 117 -19.38 11.07 16.51
N MET B 118 -20.16 12.14 16.39
CA MET B 118 -19.73 13.47 16.81
C MET B 118 -20.32 13.76 18.17
N GLU B 119 -19.56 14.47 19.00
CA GLU B 119 -20.03 15.01 20.27
C GLU B 119 -21.21 15.97 20.05
N GLU B 130 -27.10 35.91 12.01
CA GLU B 130 -27.79 34.67 11.70
C GLU B 130 -26.85 33.47 11.47
N ILE B 131 -27.46 32.27 11.55
CA ILE B 131 -26.80 30.97 11.37
C ILE B 131 -25.84 30.93 10.22
N LYS B 132 -24.70 30.28 10.45
CA LYS B 132 -23.68 30.07 9.44
C LYS B 132 -23.57 28.56 9.21
N LYS B 133 -23.49 28.16 7.97
CA LYS B 133 -23.15 26.80 7.64
C LYS B 133 -21.98 26.39 8.54
N VAL B 134 -22.03 25.16 9.07
CA VAL B 134 -20.87 24.61 9.80
C VAL B 134 -20.24 23.47 9.04
N LYS B 135 -18.95 23.34 9.31
CA LYS B 135 -18.12 22.24 8.86
C LYS B 135 -18.04 21.26 10.04
N VAL B 136 -17.97 19.98 9.70
CA VAL B 136 -17.67 18.87 10.62
C VAL B 136 -16.38 19.19 11.37
N ASP B 137 -16.49 19.25 12.69
CA ASP B 137 -15.32 19.49 13.53
C ASP B 137 -14.73 18.11 13.94
N ILE B 138 -13.51 17.88 13.50
CA ILE B 138 -12.87 16.59 13.63
C ILE B 138 -12.47 16.30 15.06
N SER B 139 -12.16 17.35 15.78
CA SER B 139 -11.85 17.21 17.19
C SER B 139 -13.05 16.80 18.03
N LYS B 140 -14.22 16.72 17.43
CA LYS B 140 -15.37 16.29 18.17
C LYS B 140 -15.90 14.92 17.71
N VAL B 141 -15.16 14.25 16.84
CA VAL B 141 -15.53 12.95 16.36
C VAL B 141 -14.78 11.86 17.15
N TRP B 142 -15.54 10.85 17.58
CA TRP B 142 -15.04 9.69 18.32
C TRP B 142 -15.14 8.52 17.36
N ARG B 143 -14.11 7.65 17.36
CA ARG B 143 -14.24 6.34 16.73
C ARG B 143 -14.29 5.20 17.74
N SER B 144 -14.93 4.13 17.32
CA SER B 144 -14.95 2.89 18.06
C SER B 144 -14.81 1.77 17.11
N ILE B 145 -13.70 1.05 17.21
CA ILE B 145 -13.43 -0.10 16.36
C ILE B 145 -14.12 -1.28 17.00
N LEU B 146 -14.90 -1.97 16.19
CA LEU B 146 -15.58 -3.16 16.62
C LEU B 146 -14.60 -4.36 16.60
N ALA B 147 -13.73 -4.37 17.60
CA ALA B 147 -12.56 -5.26 17.72
C ALA B 147 -12.80 -6.76 18.04
N GLU B 148 -14.02 -7.10 18.49
CA GLU B 148 -14.44 -8.48 18.79
C GLU B 148 -15.01 -9.18 17.53
N LYS B 149 -15.33 -8.42 16.49
CA LYS B 149 -15.88 -8.98 15.26
C LYS B 149 -14.97 -8.80 14.03
N PRO B 150 -13.68 -9.16 14.13
CA PRO B 150 -12.77 -9.07 12.97
C PRO B 150 -13.07 -10.05 11.84
N ARG B 151 -12.98 -9.60 10.59
CA ARG B 151 -13.09 -10.50 9.43
C ARG B 151 -11.70 -10.79 8.80
N VAL B 152 -11.25 -12.02 9.02
CA VAL B 152 -9.92 -12.51 8.59
C VAL B 152 -9.92 -13.17 7.23
N THR B 153 -8.86 -12.90 6.47
CA THR B 153 -8.68 -13.51 5.18
C THR B 153 -7.23 -13.82 4.98
N ARG B 154 -6.93 -15.09 4.76
CA ARG B 154 -5.58 -15.55 4.44
C ARG B 154 -5.42 -15.61 2.95
N PHE B 155 -4.24 -15.28 2.44
CA PHE B 155 -3.88 -15.54 1.03
C PHE B 155 -2.60 -16.34 0.96
N ASN B 156 -2.53 -17.21 -0.05
CA ASN B 156 -1.39 -18.09 -0.22
C ASN B 156 -0.33 -17.25 -0.85
N ILE B 157 0.86 -17.23 -0.23
CA ILE B 157 2.03 -16.58 -0.83
C ILE B 157 3.15 -17.59 -0.83
N GLN B 158 4.26 -17.22 -1.46
CA GLN B 158 5.36 -18.15 -1.67
C GLN B 158 6.34 -18.27 -0.49
N TRP B 159 6.42 -17.27 0.40
CA TRP B 159 7.32 -17.34 1.54
C TRP B 159 8.75 -17.52 1.03
N ASP B 160 9.52 -18.48 1.55
CA ASP B 160 10.84 -18.80 0.96
C ASP B 160 10.76 -20.09 0.11
N VAL C 6 19.10 -2.74 -18.04
CA VAL C 6 20.17 -3.43 -17.26
C VAL C 6 20.38 -2.57 -16.00
N GLN C 7 20.07 -3.16 -14.85
CA GLN C 7 20.23 -2.47 -13.58
C GLN C 7 20.70 -3.44 -12.52
N LYS C 8 21.62 -2.96 -11.69
CA LYS C 8 22.01 -3.70 -10.52
C LYS C 8 20.85 -3.67 -9.50
N VAL C 9 20.18 -4.83 -9.38
CA VAL C 9 19.18 -5.12 -8.37
C VAL C 9 19.76 -5.90 -7.18
N THR C 10 19.39 -5.52 -5.96
CA THR C 10 19.86 -6.19 -4.73
C THR C 10 18.73 -6.29 -3.70
N ILE C 11 18.96 -6.94 -2.57
CA ILE C 11 17.87 -7.12 -1.64
C ILE C 11 18.39 -6.85 -0.29
N THR C 12 17.76 -5.92 0.44
CA THR C 12 18.16 -5.64 1.80
C THR C 12 17.87 -6.84 2.69
N LYS C 13 18.56 -6.86 3.82
CA LYS C 13 18.36 -7.82 4.92
C LYS C 13 16.90 -7.90 5.34
N GLU C 14 16.17 -6.80 5.22
CA GLU C 14 14.78 -6.73 5.63
C GLU C 14 13.88 -7.31 4.55
N GLY C 15 14.45 -7.59 3.37
CA GLY C 15 13.74 -8.22 2.23
C GLY C 15 13.28 -7.24 1.16
N LYS C 16 13.65 -5.98 1.30
CA LYS C 16 13.27 -5.03 0.27
C LYS C 16 14.25 -5.12 -0.95
N LYS C 17 13.69 -5.29 -2.14
CA LYS C 17 14.46 -5.09 -3.37
C LYS C 17 14.85 -3.67 -3.57
N ARG C 18 16.02 -3.50 -4.16
CA ARG C 18 16.71 -2.24 -4.21
C ARG C 18 17.46 -2.15 -5.51
N VAL C 19 17.32 -1.04 -6.20
CA VAL C 19 18.04 -0.80 -7.44
C VAL C 19 19.00 0.40 -7.32
N ALA C 20 20.10 0.38 -8.03
CA ALA C 20 21.00 1.53 -8.17
C ALA C 20 20.61 2.26 -9.43
N PRO C 21 20.27 3.55 -9.29
CA PRO C 21 19.87 4.40 -10.45
C PRO C 21 21.07 4.84 -11.28
N GLN C 22 20.85 5.05 -12.58
CA GLN C 22 21.86 5.56 -13.48
C GLN C 22 21.88 7.06 -13.28
N LEU C 23 23.00 7.57 -12.85
CA LEU C 23 23.27 8.97 -12.81
C LEU C 23 23.49 9.44 -14.25
N LEU C 24 22.59 10.23 -14.79
CA LEU C 24 22.72 10.62 -16.19
C LEU C 24 23.72 11.80 -16.32
N THR C 25 23.41 12.86 -15.62
CA THR C 25 24.27 14.00 -15.56
C THR C 25 24.20 14.60 -14.13
N THR C 26 25.24 15.32 -13.72
CA THR C 26 25.16 16.14 -12.50
C THR C 26 25.42 17.58 -12.92
N GLN D 7 9.14 -1.73 23.55
CA GLN D 7 9.81 -2.45 22.44
C GLN D 7 10.90 -1.59 21.73
N LYS D 8 11.92 -2.28 21.24
CA LYS D 8 13.06 -1.61 20.63
C LYS D 8 12.74 -1.20 19.18
N VAL D 9 12.62 0.12 19.00
CA VAL D 9 12.52 0.73 17.69
C VAL D 9 13.90 1.09 17.12
N THR D 10 14.01 0.93 15.82
CA THR D 10 15.27 1.09 15.15
C THR D 10 14.93 1.68 13.82
N ILE D 11 15.95 1.87 13.00
CA ILE D 11 15.83 2.53 11.70
C ILE D 11 16.75 1.79 10.74
N THR D 12 16.23 1.43 9.57
CA THR D 12 17.07 0.80 8.52
C THR D 12 17.98 1.81 7.83
N LYS D 13 18.91 1.30 7.04
CA LYS D 13 19.75 2.19 6.22
C LYS D 13 18.90 3.25 5.49
N GLU D 14 17.76 2.81 4.97
CA GLU D 14 16.80 3.63 4.19
C GLU D 14 15.84 4.58 5.01
N GLY D 15 15.84 4.45 6.32
CA GLY D 15 15.15 5.39 7.19
C GLY D 15 13.78 4.86 7.56
N LYS D 16 13.61 3.56 7.31
CA LYS D 16 12.35 2.89 7.63
C LYS D 16 12.24 2.43 9.08
N LYS D 17 11.10 2.73 9.67
CA LYS D 17 10.80 2.34 11.05
C LYS D 17 10.80 0.82 11.11
N ARG D 18 11.55 0.24 12.06
CA ARG D 18 11.65 -1.25 12.21
C ARG D 18 11.49 -1.60 13.69
N VAL D 19 10.68 -2.59 14.00
CA VAL D 19 10.47 -3.01 15.39
C VAL D 19 10.92 -4.48 15.54
N ALA D 20 11.70 -4.78 16.57
CA ALA D 20 12.04 -6.15 16.91
C ALA D 20 10.85 -6.68 17.74
N PRO D 21 10.29 -7.82 17.39
CA PRO D 21 9.17 -8.35 18.15
C PRO D 21 9.65 -9.06 19.41
N GLN D 22 8.83 -9.05 20.47
CA GLN D 22 9.12 -9.80 21.71
C GLN D 22 8.82 -11.30 21.47
N LEU D 23 9.85 -12.13 21.60
CA LEU D 23 9.72 -13.57 21.67
C LEU D 23 9.04 -13.88 23.00
N LEU D 24 7.81 -14.39 22.94
CA LEU D 24 7.12 -14.80 24.18
C LEU D 24 7.63 -16.20 24.57
N THR D 25 7.57 -17.11 23.62
CA THR D 25 8.04 -18.50 23.81
C THR D 25 8.09 -19.25 22.47
N THR D 26 8.77 -20.38 22.41
CA THR D 26 8.95 -21.11 21.12
C THR D 26 8.26 -22.49 20.99
N LEU D 27 7.41 -22.86 21.93
CA LEU D 27 6.45 -23.97 21.68
C LEU D 27 5.71 -23.94 20.28
N SER D 28 5.47 -25.15 19.76
CA SER D 28 4.75 -25.32 18.48
C SER D 28 3.89 -26.61 18.42
#